data_3JXO
#
_entry.id   3JXO
#
_cell.length_a   62.114
_cell.length_b   64.398
_cell.length_c   97.000
_cell.angle_alpha   90.00
_cell.angle_beta   90.00
_cell.angle_gamma   90.00
#
_symmetry.space_group_name_H-M   'C 2 2 21'
#
loop_
_entity.id
_entity.type
_entity.pdbx_description
1 polymer 'TrkA-N domain protein'
2 water water
#
_entity_poly.entity_id   1
_entity_poly.type   'polypeptide(L)'
_entity_poly.pdbx_seq_one_letter_code
;NLYFQGMIPLEQGIEFLSVNVEEDSPVVGKKLKDLPLPRDSIIAAIVRGGVLVVPRGDTEILSGDKLYVIVSAEAKETVE
ETLLGR
;
_entity_poly.pdbx_strand_id   A,B
#
# COMPACT_ATOMS: atom_id res chain seq x y z
N ASN A 1 -2.45 2.59 22.95
CA ASN A 1 -2.61 2.40 21.48
C ASN A 1 -1.44 3.05 20.72
N LEU A 2 -0.45 2.25 20.34
CA LEU A 2 0.68 2.75 19.58
C LEU A 2 0.38 2.70 18.09
N TYR A 3 0.92 3.65 17.34
CA TYR A 3 0.71 3.68 15.89
C TYR A 3 1.86 4.30 15.13
N PHE A 4 1.93 3.96 13.86
CA PHE A 4 2.87 4.52 12.91
C PHE A 4 2.45 5.95 12.57
N GLN A 5 3.41 6.86 12.58
CA GLN A 5 3.18 8.20 12.02
C GLN A 5 4.49 8.77 11.52
N GLY A 6 4.47 9.20 10.27
CA GLY A 6 5.65 9.77 9.68
C GLY A 6 6.00 9.13 8.36
N MET A 7 7.29 8.90 8.14
CA MET A 7 7.75 8.32 6.89
C MET A 7 8.95 7.42 7.13
N ILE A 8 9.03 6.35 6.34
CA ILE A 8 10.20 5.48 6.32
C ILE A 8 10.60 5.15 4.89
N PRO A 9 11.91 4.97 4.67
CA PRO A 9 12.33 4.49 3.36
C PRO A 9 11.97 3.02 3.19
N LEU A 10 11.61 2.64 1.97
CA LEU A 10 11.43 1.22 1.63
C LEU A 10 12.59 0.68 0.81
N GLU A 11 13.00 1.46 -0.17
CA GLU A 11 14.05 1.08 -1.11
C GLU A 11 14.78 2.36 -1.45
N GLN A 12 15.86 2.24 -2.20
CA GLN A 12 16.43 3.40 -2.81
C GLN A 12 15.30 3.99 -3.71
N GLY A 13 14.96 5.22 -3.38
CA GLY A 13 14.09 6.03 -4.13
C GLY A 13 12.62 5.80 -3.88
N ILE A 14 12.25 4.97 -2.91
CA ILE A 14 10.84 4.72 -2.58
C ILE A 14 10.60 4.86 -1.07
N GLU A 15 9.59 5.66 -0.71
CA GLU A 15 9.23 6.01 0.67
C GLU A 15 7.79 5.55 0.96
N PHE A 16 7.54 5.26 2.24
CA PHE A 16 6.22 4.93 2.79
C PHE A 16 5.89 6.02 3.81
N LEU A 17 4.70 6.61 3.69
CA LEU A 17 4.36 7.68 4.61
C LEU A 17 2.90 7.70 4.98
N SER A 18 2.61 8.32 6.12
CA SER A 18 1.25 8.53 6.56
C SER A 18 0.83 9.98 6.41
N VAL A 19 -0.46 10.16 6.12
CA VAL A 19 -1.08 11.48 6.03
C VAL A 19 -2.39 11.43 6.83
N ASN A 20 -2.58 12.41 7.70
CA ASN A 20 -3.84 12.57 8.43
C ASN A 20 -4.68 13.64 7.72
N VAL A 21 -5.86 13.24 7.29
CA VAL A 21 -6.80 14.11 6.57
C VAL A 21 -7.58 14.94 7.59
N GLU A 22 -7.38 16.26 7.55
CA GLU A 22 -8.01 17.21 8.46
C GLU A 22 -9.21 17.82 7.74
N GLU A 23 -10.09 18.50 8.48
CA GLU A 23 -11.23 19.16 7.86
C GLU A 23 -10.89 20.19 6.76
N ASP A 24 -9.71 20.82 6.85
CA ASP A 24 -9.26 21.80 5.83
C ASP A 24 -8.49 21.18 4.64
N SER A 25 -8.42 19.86 4.59
CA SER A 25 -7.69 19.15 3.53
C SER A 25 -8.35 19.43 2.19
N PRO A 26 -7.54 19.72 1.17
CA PRO A 26 -8.11 19.96 -0.15
C PRO A 26 -8.79 18.73 -0.78
N VAL A 27 -8.50 17.54 -0.27
CA VAL A 27 -9.00 16.34 -0.92
C VAL A 27 -10.23 15.76 -0.23
N VAL A 28 -10.74 16.39 0.81
CA VAL A 28 -11.92 15.88 1.49
C VAL A 28 -13.11 15.70 0.54
N GLY A 29 -13.71 14.51 0.60
CA GLY A 29 -14.86 14.16 -0.21
C GLY A 29 -14.57 13.70 -1.64
N LYS A 30 -13.30 13.77 -2.03
CA LYS A 30 -12.87 13.39 -3.37
C LYS A 30 -12.72 11.87 -3.49
N LYS A 31 -13.06 11.36 -4.66
CA LYS A 31 -12.82 9.94 -4.98
C LYS A 31 -11.35 9.78 -5.38
N LEU A 32 -10.77 8.65 -5.00
CA LEU A 32 -9.36 8.40 -5.28
C LEU A 32 -9.03 8.54 -6.78
N LYS A 33 -9.92 8.08 -7.66
CA LYS A 33 -9.68 8.15 -9.11
C LYS A 33 -9.60 9.60 -9.61
N ASP A 34 -10.13 10.53 -8.84
CA ASP A 34 -10.18 11.92 -9.26
C ASP A 34 -8.98 12.73 -8.76
N LEU A 35 -8.16 12.14 -7.89
CA LEU A 35 -7.01 12.86 -7.34
C LEU A 35 -5.90 13.01 -8.36
N PRO A 36 -5.33 14.21 -8.49
CA PRO A 36 -4.19 14.39 -9.40
C PRO A 36 -2.91 13.92 -8.71
N LEU A 37 -2.37 12.80 -9.18
CA LEU A 37 -1.20 12.15 -8.59
C LEU A 37 -0.17 11.85 -9.65
N PRO A 38 1.11 11.97 -9.30
CA PRO A 38 2.18 11.64 -10.26
C PRO A 38 2.25 10.13 -10.45
N ARG A 39 2.94 9.70 -11.50
CA ARG A 39 3.00 8.29 -11.87
C ARG A 39 3.35 7.36 -10.71
N ASP A 40 4.42 7.70 -10.01
CA ASP A 40 5.00 6.79 -9.02
C ASP A 40 4.48 7.11 -7.63
N SER A 41 3.17 6.97 -7.50
CA SER A 41 2.51 7.19 -6.23
C SER A 41 1.29 6.27 -6.11
N ILE A 42 1.02 5.87 -4.89
CA ILE A 42 0.00 4.87 -4.55
C ILE A 42 -0.64 5.24 -3.23
N ILE A 43 -1.97 5.38 -3.21
CA ILE A 43 -2.72 5.41 -1.94
C ILE A 43 -2.88 3.94 -1.53
N ALA A 44 -2.00 3.52 -0.64
CA ALA A 44 -1.82 2.12 -0.25
C ALA A 44 -2.91 1.60 0.68
N ALA A 45 -3.42 2.46 1.57
CA ALA A 45 -4.47 2.05 2.54
C ALA A 45 -5.11 3.27 3.13
N ILE A 46 -6.35 3.10 3.58
CA ILE A 46 -7.05 4.08 4.41
C ILE A 46 -7.41 3.42 5.71
N VAL A 47 -7.26 4.15 6.82
CA VAL A 47 -7.77 3.67 8.11
C VAL A 47 -8.80 4.69 8.55
N ARG A 48 -10.00 4.21 8.87
CA ARG A 48 -11.15 5.07 9.14
C ARG A 48 -11.83 4.54 10.38
N GLY A 49 -11.87 5.35 11.43
CA GLY A 49 -12.42 4.91 12.72
C GLY A 49 -11.77 3.60 13.19
N GLY A 50 -10.46 3.48 12.97
CA GLY A 50 -9.70 2.30 13.37
C GLY A 50 -9.84 1.06 12.51
N VAL A 51 -10.60 1.17 11.42
CA VAL A 51 -10.90 0.07 10.52
C VAL A 51 -10.16 0.24 9.16
N LEU A 52 -9.61 -0.84 8.64
CA LEU A 52 -8.93 -0.79 7.33
C LEU A 52 -9.96 -0.68 6.19
N VAL A 53 -9.74 0.30 5.32
CA VAL A 53 -10.51 0.47 4.09
C VAL A 53 -9.58 0.22 2.91
N VAL A 54 -9.95 -0.71 2.04
CA VAL A 54 -9.18 -1.05 0.86
C VAL A 54 -9.41 0.04 -0.19
N PRO A 55 -8.34 0.72 -0.62
CA PRO A 55 -8.53 1.81 -1.60
C PRO A 55 -8.98 1.30 -2.97
N ARG A 56 -10.09 1.88 -3.45
CA ARG A 56 -10.59 1.65 -4.78
C ARG A 56 -10.77 2.99 -5.48
N GLY A 57 -10.86 2.99 -6.80
CA GLY A 57 -11.09 4.23 -7.54
C GLY A 57 -12.25 5.07 -7.03
N ASP A 58 -13.35 4.43 -6.63
CA ASP A 58 -14.54 5.17 -6.20
C ASP A 58 -14.58 5.44 -4.70
N THR A 59 -13.54 5.04 -3.96
CA THR A 59 -13.45 5.31 -2.52
C THR A 59 -13.35 6.82 -2.31
N GLU A 60 -14.20 7.37 -1.45
CA GLU A 60 -14.19 8.79 -1.12
C GLU A 60 -13.37 8.98 0.14
N ILE A 61 -12.48 9.97 0.13
CA ILE A 61 -11.71 10.38 1.32
C ILE A 61 -12.60 11.23 2.23
N LEU A 62 -12.57 10.90 3.50
CA LEU A 62 -13.32 11.61 4.50
C LEU A 62 -12.40 12.33 5.48
N SER A 63 -12.87 13.44 6.04
CA SER A 63 -12.12 14.10 7.09
C SER A 63 -11.92 13.08 8.22
N GLY A 64 -10.73 13.09 8.79
CA GLY A 64 -10.39 12.16 9.85
C GLY A 64 -9.73 10.89 9.38
N ASP A 65 -9.77 10.62 8.08
CA ASP A 65 -9.11 9.45 7.53
C ASP A 65 -7.61 9.54 7.74
N LYS A 66 -6.99 8.37 7.86
CA LYS A 66 -5.55 8.25 7.82
C LYS A 66 -5.21 7.52 6.54
N LEU A 67 -4.33 8.13 5.75
CA LEU A 67 -3.86 7.56 4.50
C LEU A 67 -2.46 7.03 4.68
N TYR A 68 -2.20 5.86 4.07
CA TYR A 68 -0.84 5.33 3.95
C TYR A 68 -0.51 5.37 2.47
N VAL A 69 0.64 5.94 2.15
CA VAL A 69 1.05 6.28 0.80
C VAL A 69 2.42 5.69 0.50
N ILE A 70 2.60 5.16 -0.71
CA ILE A 70 3.91 4.71 -1.18
C ILE A 70 4.21 5.61 -2.37
N VAL A 71 5.40 6.21 -2.39
CA VAL A 71 5.75 7.21 -3.38
C VAL A 71 7.24 7.18 -3.66
N SER A 72 7.59 7.49 -4.90
CA SER A 72 9.00 7.74 -5.21
C SER A 72 9.49 9.00 -4.47
N ALA A 73 10.80 9.07 -4.24
CA ALA A 73 11.42 10.24 -3.69
C ALA A 73 11.04 11.49 -4.49
N GLU A 74 11.06 11.35 -5.81
CA GLU A 74 10.85 12.46 -6.71
C GLU A 74 9.41 12.98 -6.65
N ALA A 75 8.46 12.08 -6.37
CA ALA A 75 7.03 12.39 -6.34
C ALA A 75 6.49 12.86 -4.98
N LYS A 76 7.26 12.68 -3.90
CA LYS A 76 6.73 12.81 -2.54
C LYS A 76 6.16 14.22 -2.25
N GLU A 77 6.92 15.28 -2.56
CA GLU A 77 6.45 16.65 -2.32
C GLU A 77 5.16 16.96 -3.09
N THR A 78 5.09 16.49 -4.33
CA THR A 78 3.91 16.70 -5.15
C THR A 78 2.67 16.05 -4.54
N VAL A 79 2.81 14.81 -4.08
CA VAL A 79 1.73 14.11 -3.42
C VAL A 79 1.30 14.78 -2.09
N GLU A 80 2.26 15.16 -1.27
CA GLU A 80 1.93 15.88 -0.02
C GLU A 80 1.16 17.18 -0.31
N GLU A 81 1.58 17.92 -1.32
CA GLU A 81 0.90 19.15 -1.72
C GLU A 81 -0.55 18.91 -2.20
N THR A 82 -0.74 17.86 -2.98
CA THR A 82 -2.09 17.49 -3.42
C THR A 82 -2.97 17.09 -2.26
N LEU A 83 -2.44 16.29 -1.34
CA LEU A 83 -3.26 15.75 -0.25
C LEU A 83 -3.50 16.80 0.85
N LEU A 84 -2.50 17.62 1.11
CA LEU A 84 -2.52 18.57 2.22
C LEU A 84 -2.70 20.02 1.76
N ASN B 1 21.86 -1.15 -2.26
CA ASN B 1 21.03 -0.24 -1.45
C ASN B 1 20.43 -0.99 -0.24
N LEU B 2 20.21 -0.24 0.84
CA LEU B 2 19.46 -0.72 2.00
C LEU B 2 17.96 -0.81 1.64
N TYR B 3 17.24 -1.71 2.30
CA TYR B 3 15.84 -1.88 2.02
C TYR B 3 15.05 -2.48 3.18
N PHE B 4 13.75 -2.27 3.11
CA PHE B 4 12.83 -2.81 4.07
C PHE B 4 12.64 -4.31 3.79
N GLN B 5 12.68 -5.11 4.84
CA GLN B 5 12.30 -6.50 4.77
C GLN B 5 11.73 -6.91 6.11
N GLY B 6 10.52 -7.46 6.10
CA GLY B 6 9.92 -7.97 7.31
C GLY B 6 8.53 -7.42 7.50
N MET B 7 8.21 -7.05 8.73
CA MET B 7 6.90 -6.54 9.07
C MET B 7 6.99 -5.47 10.15
N ILE B 8 6.10 -4.49 10.03
CA ILE B 8 5.94 -3.52 11.07
C ILE B 8 4.49 -3.27 11.38
N PRO B 9 4.20 -2.96 12.66
CA PRO B 9 2.82 -2.60 12.98
C PRO B 9 2.50 -1.20 12.47
N LEU B 10 1.28 -1.02 11.97
CA LEU B 10 0.78 0.32 11.66
C LEU B 10 -0.18 0.87 12.72
N GLU B 11 -1.18 0.08 13.07
CA GLU B 11 -2.20 0.46 14.04
C GLU B 11 -2.56 -0.75 14.86
N GLN B 12 -3.48 -0.56 15.80
CA GLN B 12 -4.17 -1.64 16.43
C GLN B 12 -4.78 -2.49 15.29
N GLY B 13 -4.19 -3.66 15.15
CA GLY B 13 -4.69 -4.72 14.33
C GLY B 13 -4.39 -4.62 12.84
N ILE B 14 -3.47 -3.74 12.44
CA ILE B 14 -3.09 -3.62 11.05
C ILE B 14 -1.56 -3.56 10.94
N GLU B 15 -1.03 -4.38 10.02
CA GLU B 15 0.40 -4.50 9.78
C GLU B 15 0.81 -4.29 8.33
N PHE B 16 2.06 -3.91 8.17
CA PHE B 16 2.69 -3.69 6.88
C PHE B 16 3.80 -4.71 6.74
N LEU B 17 3.79 -5.43 5.64
CA LEU B 17 4.84 -6.41 5.44
C LEU B 17 5.33 -6.55 4.02
N SER B 18 6.54 -7.11 3.88
CA SER B 18 7.06 -7.43 2.57
C SER B 18 7.03 -8.95 2.32
N VAL B 19 6.84 -9.30 1.05
CA VAL B 19 6.85 -10.67 0.57
C VAL B 19 7.78 -10.72 -0.64
N ASN B 20 8.75 -11.63 -0.61
CA ASN B 20 9.55 -11.90 -1.79
C ASN B 20 8.97 -13.13 -2.53
N VAL B 21 8.60 -12.91 -3.78
CA VAL B 21 8.03 -13.93 -4.62
C VAL B 21 9.18 -14.74 -5.23
N GLU B 22 9.17 -16.03 -4.94
CA GLU B 22 10.19 -16.97 -5.42
C GLU B 22 9.69 -17.68 -6.69
N GLU B 23 10.60 -18.38 -7.36
CA GLU B 23 10.27 -19.11 -8.59
C GLU B 23 9.07 -20.06 -8.45
N ASP B 24 8.94 -20.71 -7.29
CA ASP B 24 7.89 -21.71 -7.06
C ASP B 24 6.69 -21.17 -6.30
N SER B 25 6.62 -19.86 -6.07
CA SER B 25 5.45 -19.31 -5.36
C SER B 25 4.20 -19.48 -6.21
N PRO B 26 3.06 -19.84 -5.57
CA PRO B 26 1.82 -20.10 -6.31
C PRO B 26 1.27 -18.88 -7.06
N VAL B 27 1.63 -17.67 -6.63
CA VAL B 27 1.12 -16.46 -7.30
C VAL B 27 1.86 -16.10 -8.60
N VAL B 28 2.99 -16.74 -8.86
CA VAL B 28 3.73 -16.42 -10.09
C VAL B 28 2.85 -16.68 -11.34
N GLY B 29 2.78 -15.66 -12.22
CA GLY B 29 2.03 -15.73 -13.45
C GLY B 29 0.56 -15.39 -13.30
N LYS B 30 0.12 -15.08 -12.08
CA LYS B 30 -1.28 -14.70 -11.82
C LYS B 30 -1.47 -13.18 -11.87
N LYS B 31 -2.65 -12.75 -12.32
CA LYS B 31 -3.00 -11.32 -12.32
C LYS B 31 -3.55 -10.99 -10.93
N LEU B 32 -3.29 -9.77 -10.47
CA LEU B 32 -3.73 -9.36 -9.14
C LEU B 32 -5.23 -9.52 -8.95
N LYS B 33 -5.99 -9.19 -9.98
CA LYS B 33 -7.47 -9.26 -9.88
C LYS B 33 -8.00 -10.68 -9.68
N ASP B 34 -7.15 -11.67 -9.92
CA ASP B 34 -7.57 -13.06 -9.83
C ASP B 34 -7.09 -13.75 -8.56
N LEU B 35 -6.45 -13.01 -7.66
CA LEU B 35 -5.98 -13.60 -6.42
C LEU B 35 -7.09 -13.66 -5.38
N PRO B 36 -7.25 -14.83 -4.73
CA PRO B 36 -8.26 -15.01 -3.69
C PRO B 36 -7.78 -14.46 -2.34
N LEU B 37 -7.68 -13.15 -2.25
CA LEU B 37 -7.17 -12.50 -1.06
C LEU B 37 -8.31 -12.24 -0.08
N PRO B 38 -8.02 -12.27 1.25
CA PRO B 38 -9.03 -11.84 2.26
C PRO B 38 -9.46 -10.39 2.06
N ARG B 39 -10.69 -10.04 2.47
CA ARG B 39 -11.22 -8.68 2.19
C ARG B 39 -10.42 -7.56 2.90
N ASP B 40 -9.77 -7.92 4.02
CA ASP B 40 -8.94 -6.99 4.84
C ASP B 40 -7.46 -7.13 4.53
N SER B 41 -7.15 -7.16 3.24
CA SER B 41 -5.78 -7.24 2.77
C SER B 41 -5.62 -6.49 1.46
N ILE B 42 -4.42 -5.97 1.25
CA ILE B 42 -4.11 -5.09 0.14
C ILE B 42 -2.71 -5.38 -0.34
N ILE B 43 -2.57 -5.64 -1.65
CA ILE B 43 -1.24 -5.63 -2.26
C ILE B 43 -0.98 -4.19 -2.63
N ALA B 44 -0.23 -3.52 -1.76
CA ALA B 44 -0.02 -2.05 -1.85
C ALA B 44 0.92 -1.62 -3.00
N ALA B 45 2.00 -2.37 -3.22
CA ALA B 45 3.01 -1.97 -4.19
C ALA B 45 3.77 -3.21 -4.59
N ILE B 46 4.38 -3.12 -5.78
CA ILE B 46 5.33 -4.11 -6.29
C ILE B 46 6.63 -3.37 -6.54
N VAL B 47 7.74 -3.99 -6.18
CA VAL B 47 9.06 -3.52 -6.60
C VAL B 47 9.69 -4.63 -7.45
N ARG B 48 10.10 -4.24 -8.67
CA ARG B 48 10.53 -5.18 -9.72
C ARG B 48 11.80 -4.60 -10.32
N GLY B 49 12.90 -5.32 -10.20
CA GLY B 49 14.21 -4.79 -10.61
C GLY B 49 14.53 -3.43 -10.01
N GLY B 50 14.17 -3.24 -8.74
CA GLY B 50 14.37 -1.98 -8.01
C GLY B 50 13.43 -0.83 -8.36
N VAL B 51 12.46 -1.10 -9.24
CA VAL B 51 11.59 -0.07 -9.80
C VAL B 51 10.19 -0.25 -9.24
N LEU B 52 9.56 0.84 -8.82
CA LEU B 52 8.17 0.78 -8.34
C LEU B 52 7.22 0.45 -9.49
N VAL B 53 6.37 -0.55 -9.26
CA VAL B 53 5.26 -0.87 -10.15
C VAL B 53 3.97 -0.62 -9.39
N VAL B 54 3.14 0.26 -9.92
CA VAL B 54 1.86 0.59 -9.34
C VAL B 54 0.90 -0.53 -9.68
N PRO B 55 0.41 -1.26 -8.67
CA PRO B 55 -0.43 -2.38 -8.98
C PRO B 55 -1.78 -1.98 -9.56
N ARG B 56 -2.20 -2.74 -10.56
CA ARG B 56 -3.56 -2.64 -11.10
C ARG B 56 -4.09 -4.07 -11.20
N GLY B 57 -5.39 -4.18 -11.43
CA GLY B 57 -6.01 -5.51 -11.46
C GLY B 57 -5.34 -6.43 -12.47
N ASP B 58 -4.93 -5.86 -13.61
CA ASP B 58 -4.34 -6.64 -14.70
C ASP B 58 -2.83 -6.90 -14.55
N THR B 59 -2.22 -6.43 -13.46
CA THR B 59 -0.80 -6.64 -13.24
C THR B 59 -0.49 -8.12 -12.92
N GLU B 60 0.42 -8.71 -13.72
CA GLU B 60 0.89 -10.08 -13.52
C GLU B 60 2.05 -10.10 -12.53
N ILE B 61 1.97 -10.97 -11.53
CA ILE B 61 3.05 -11.11 -10.56
C ILE B 61 4.11 -12.04 -11.15
N LEU B 62 5.36 -11.63 -11.04
CA LEU B 62 6.48 -12.38 -11.58
C LEU B 62 7.43 -12.87 -10.52
N SER B 63 8.12 -13.97 -10.82
CA SER B 63 9.21 -14.45 -9.98
C SER B 63 10.20 -13.31 -9.75
N GLY B 64 10.64 -13.15 -8.51
CA GLY B 64 11.57 -12.08 -8.13
C GLY B 64 10.91 -10.76 -7.70
N ASP B 65 9.60 -10.65 -7.89
CA ASP B 65 8.90 -9.45 -7.43
C ASP B 65 8.96 -9.40 -5.90
N LYS B 66 9.01 -8.17 -5.41
CA LYS B 66 8.82 -7.88 -4.02
C LYS B 66 7.47 -7.18 -3.88
N LEU B 67 6.64 -7.73 -3.02
CA LEU B 67 5.30 -7.18 -2.77
C LEU B 67 5.28 -6.52 -1.40
N TYR B 68 4.65 -5.36 -1.34
CA TYR B 68 4.35 -4.70 -0.06
C TYR B 68 2.87 -4.84 0.20
N VAL B 69 2.58 -5.35 1.38
CA VAL B 69 1.20 -5.75 1.77
C VAL B 69 0.77 -5.06 3.05
N ILE B 70 -0.47 -4.57 3.06
CA ILE B 70 -1.12 -4.06 4.28
C ILE B 70 -2.28 -5.00 4.59
N VAL B 71 -2.32 -5.48 5.82
CA VAL B 71 -3.23 -6.53 6.18
C VAL B 71 -3.60 -6.47 7.65
N SER B 72 -4.83 -6.86 7.95
CA SER B 72 -5.21 -7.03 9.33
C SER B 72 -4.40 -8.15 9.99
N ALA B 73 -4.27 -8.06 11.31
CA ALA B 73 -3.65 -9.11 12.11
C ALA B 73 -4.32 -10.47 11.82
N GLU B 74 -5.65 -10.49 11.79
CA GLU B 74 -6.44 -11.72 11.60
C GLU B 74 -6.14 -12.42 10.27
N ALA B 75 -5.91 -11.61 9.22
CA ALA B 75 -5.72 -12.08 7.85
C ALA B 75 -4.28 -12.32 7.45
N LYS B 76 -3.32 -11.94 8.28
CA LYS B 76 -1.91 -11.96 7.85
C LYS B 76 -1.41 -13.33 7.38
N GLU B 77 -1.62 -14.36 8.21
CA GLU B 77 -1.11 -15.70 7.88
C GLU B 77 -1.75 -16.22 6.58
N THR B 78 -3.06 -16.00 6.42
CA THR B 78 -3.77 -16.41 5.21
C THR B 78 -3.22 -15.73 3.97
N VAL B 79 -2.98 -14.43 4.05
CA VAL B 79 -2.39 -13.73 2.89
C VAL B 79 -1.01 -14.29 2.55
N GLU B 80 -0.18 -14.51 3.56
CA GLU B 80 1.15 -15.07 3.29
C GLU B 80 1.10 -16.44 2.62
N GLU B 81 0.20 -17.29 3.10
CA GLU B 81 0.04 -18.63 2.54
C GLU B 81 -0.50 -18.58 1.10
N THR B 82 -1.39 -17.63 0.84
CA THR B 82 -1.92 -17.44 -0.51
C THR B 82 -0.82 -17.04 -1.48
N LEU B 83 0.07 -16.18 -1.01
CA LEU B 83 1.10 -15.64 -1.88
C LEU B 83 2.28 -16.65 -2.05
N LEU B 84 2.69 -17.24 -0.94
CA LEU B 84 3.93 -18.05 -0.92
C LEU B 84 3.73 -19.54 -0.83
N GLY B 85 2.53 -20.00 -0.48
CA GLY B 85 2.29 -21.41 -0.18
C GLY B 85 2.63 -21.79 1.25
#